data_8R1P
#
_entry.id   8R1P
#
_cell.length_a   97.313
_cell.length_b   97.313
_cell.length_c   80.837
_cell.angle_alpha   90.000
_cell.angle_beta   90.000
_cell.angle_gamma   120.000
#
_symmetry.space_group_name_H-M   'P 65'
#
loop_
_entity.id
_entity.type
_entity.pdbx_description
1 polymer 'Serine/threonine-protein kinase pim-1'
2 polymer Pimtide
3 non-polymer '4-(4-aminostyryl)benzoic acid'
4 water water
#
loop_
_entity_poly.entity_id
_entity_poly.type
_entity_poly.pdbx_seq_one_letter_code
_entity_poly.pdbx_strand_id
1 'polypeptide(L)'
;SMLLSKINSLAHLRAAPCNDLHATKLAPGKEKEPLESQYQVGPLLGSGGFGSVYSGIRVSDNLPVAIKHVEKDRISDWGE
LPNGTRVPMEVVLLKKVSSGFSGVIRLLDWFERPDSFVLILERPEPVQDLFDFITERGALQEELARSFFWQVLEAVRHCH
NCGVLHRDIKDENILIDLNRGELKLIDFGSGALLKDTVYTDFDGTRVYSPPEWIRYHRYHGRSAAVWSLGILLYDMVCGD
IPFEHDEEIIGGQVFFRQRVS(SEP)ECQHLIRWCLALRPSDRPTFEEIQNHPWMQDVLLPQETAEIHLHSLSPGPS
;
A
2 'polypeptide(L)' ARKRRRHPSGPPTA C
#
# COMPACT_ATOMS: atom_id res chain seq x y z
N PRO A 34 -28.61 -10.27 3.29
CA PRO A 34 -28.11 -11.65 3.47
C PRO A 34 -26.64 -11.79 3.05
N LEU A 35 -25.75 -12.04 4.02
CA LEU A 35 -24.31 -12.11 3.72
C LEU A 35 -23.87 -13.51 3.35
N GLU A 36 -24.19 -14.51 4.17
CA GLU A 36 -23.83 -15.89 3.85
C GLU A 36 -24.67 -16.44 2.69
N SER A 37 -25.75 -15.77 2.31
CA SER A 37 -26.60 -16.19 1.21
C SER A 37 -26.21 -15.58 -0.14
N GLN A 38 -25.19 -14.71 -0.16
CA GLN A 38 -24.73 -14.08 -1.39
C GLN A 38 -23.31 -14.46 -1.78
N TYR A 39 -22.52 -15.02 -0.87
CA TYR A 39 -21.13 -15.32 -1.15
C TYR A 39 -20.84 -16.74 -0.68
N GLN A 40 -20.14 -17.50 -1.51
CA GLN A 40 -19.59 -18.77 -1.08
C GLN A 40 -18.24 -18.51 -0.43
N VAL A 41 -18.13 -18.84 0.85
CA VAL A 41 -16.95 -18.49 1.64
C VAL A 41 -15.94 -19.63 1.57
N GLY A 42 -14.69 -19.29 1.33
CA GLY A 42 -13.62 -20.26 1.27
C GLY A 42 -12.64 -20.16 2.42
N PRO A 43 -11.36 -20.40 2.16
CA PRO A 43 -10.37 -20.52 3.22
C PRO A 43 -9.66 -19.21 3.50
N LEU A 44 -8.93 -19.19 4.61
CA LEU A 44 -8.21 -18.00 5.01
C LEU A 44 -7.21 -17.56 3.95
N LEU A 45 -6.90 -16.28 3.95
CA LEU A 45 -5.83 -15.71 3.12
C LEU A 45 -4.75 -15.11 4.02
N PHE A 50 -2.00 -13.23 11.91
CA PHE A 50 -3.36 -12.79 12.25
C PHE A 50 -3.97 -11.97 11.11
N GLY A 51 -5.15 -11.40 11.36
CA GLY A 51 -5.94 -10.81 10.29
C GLY A 51 -6.88 -11.85 9.70
N SER A 52 -8.12 -11.47 9.43
CA SER A 52 -9.19 -12.42 9.11
C SER A 52 -9.77 -12.12 7.74
N VAL A 53 -9.11 -12.57 6.69
CA VAL A 53 -9.57 -12.37 5.32
C VAL A 53 -9.71 -13.72 4.66
N TYR A 54 -10.89 -13.97 4.08
CA TYR A 54 -11.23 -15.26 3.49
C TYR A 54 -11.38 -15.11 1.98
N SER A 55 -11.03 -16.17 1.27
CA SER A 55 -11.30 -16.22 -0.15
C SER A 55 -12.78 -16.50 -0.37
N GLY A 56 -13.34 -15.90 -1.39
CA GLY A 56 -14.76 -16.04 -1.61
C GLY A 56 -15.10 -15.86 -3.08
N ILE A 57 -16.32 -16.27 -3.41
CA ILE A 57 -16.87 -16.15 -4.75
C ILE A 57 -18.28 -15.59 -4.62
N ARG A 58 -18.55 -14.52 -5.37
CA ARG A 58 -19.90 -13.96 -5.41
C ARG A 58 -20.80 -14.93 -6.16
N VAL A 59 -21.79 -15.50 -5.47
CA VAL A 59 -22.61 -16.54 -6.08
C VAL A 59 -23.30 -16.01 -7.32
N SER A 60 -23.61 -14.71 -7.34
CA SER A 60 -24.25 -14.08 -8.50
C SER A 60 -23.53 -14.42 -9.80
N ASP A 61 -22.20 -14.18 -9.84
CA ASP A 61 -21.46 -14.27 -11.10
C ASP A 61 -20.11 -14.96 -10.97
N ASN A 62 -19.91 -15.79 -9.94
CA ASN A 62 -18.65 -16.49 -9.70
C ASN A 62 -17.45 -15.52 -9.67
N LEU A 63 -17.68 -14.26 -9.31
CA LEU A 63 -16.59 -13.30 -9.24
C LEU A 63 -15.70 -13.59 -8.03
N PRO A 64 -14.38 -13.61 -8.19
CA PRO A 64 -13.51 -13.77 -7.03
C PRO A 64 -13.56 -12.53 -6.14
N VAL A 65 -13.77 -12.75 -4.84
CA VAL A 65 -13.77 -11.68 -3.86
C VAL A 65 -12.90 -12.07 -2.67
N ALA A 66 -12.54 -11.06 -1.88
CA ALA A 66 -11.94 -11.26 -0.57
C ALA A 66 -12.94 -10.77 0.47
N ILE A 67 -13.13 -11.56 1.53
CA ILE A 67 -14.11 -11.29 2.57
C ILE A 67 -13.35 -10.98 3.85
N LYS A 68 -13.41 -9.74 4.29
CA LYS A 68 -12.57 -9.26 5.38
C LYS A 68 -13.44 -8.90 6.59
N HIS A 69 -13.12 -9.49 7.73
CA HIS A 69 -13.85 -9.29 8.96
C HIS A 69 -13.03 -8.41 9.88
N VAL A 70 -13.69 -7.45 10.50
CA VAL A 70 -13.06 -6.41 11.30
C VAL A 70 -13.84 -6.33 12.60
N GLU A 71 -13.18 -6.64 13.72
CA GLU A 71 -13.88 -6.67 14.99
C GLU A 71 -14.16 -5.24 15.46
N LYS A 72 -15.39 -4.98 15.91
CA LYS A 72 -15.75 -3.62 16.31
C LYS A 72 -14.88 -3.14 17.46
N ASP A 73 -14.64 -4.00 18.46
CA ASP A 73 -13.82 -3.62 19.60
C ASP A 73 -12.40 -3.20 19.22
N ARG A 74 -11.93 -3.54 18.01
CA ARG A 74 -10.55 -3.29 17.63
C ARG A 74 -10.40 -2.11 16.66
N ILE A 75 -11.42 -1.27 16.53
CA ILE A 75 -11.44 -0.25 15.49
C ILE A 75 -10.94 1.07 16.07
N SER A 76 -9.86 1.59 15.49
CA SER A 76 -9.24 2.84 15.90
C SER A 76 -10.18 4.02 15.65
N ASP A 77 -10.31 4.44 14.38
CA ASP A 77 -11.14 5.59 14.03
C ASP A 77 -12.43 5.14 13.35
N TRP A 78 -13.51 5.84 13.65
CA TRP A 78 -14.79 5.65 13.00
C TRP A 78 -15.15 6.87 12.17
N GLY A 79 -16.04 6.64 11.21
CA GLY A 79 -16.58 7.72 10.42
C GLY A 79 -18.06 7.51 10.20
N GLU A 80 -18.71 8.52 9.67
CA GLU A 80 -20.11 8.44 9.30
C GLU A 80 -20.22 8.41 7.79
N LEU A 81 -21.10 7.55 7.28
CA LEU A 81 -21.41 7.53 5.86
C LEU A 81 -22.36 8.66 5.53
N PRO A 82 -22.60 8.95 4.25
CA PRO A 82 -23.66 9.90 3.88
C PRO A 82 -24.99 9.60 4.56
N ASN A 83 -25.30 8.33 4.82
CA ASN A 83 -26.52 8.00 5.55
C ASN A 83 -26.47 8.41 7.02
N GLY A 84 -25.31 8.85 7.52
CA GLY A 84 -25.12 9.02 8.94
C GLY A 84 -24.87 7.73 9.70
N THR A 85 -24.93 6.59 9.04
CA THR A 85 -24.67 5.31 9.68
C THR A 85 -23.19 5.23 10.03
N ARG A 86 -22.88 5.11 11.32
CA ARG A 86 -21.48 5.10 11.75
C ARG A 86 -20.80 3.82 11.27
N VAL A 87 -19.68 3.97 10.57
CA VAL A 87 -18.94 2.85 9.99
C VAL A 87 -17.46 3.03 10.32
N PRO A 88 -16.67 1.97 10.17
CA PRO A 88 -15.21 2.12 10.32
C PRO A 88 -14.65 3.05 9.27
N MET A 89 -13.63 3.82 9.68
CA MET A 89 -12.99 4.74 8.75
C MET A 89 -12.50 4.03 7.51
N GLU A 90 -12.08 2.78 7.64
CA GLU A 90 -11.63 2.00 6.49
C GLU A 90 -12.71 1.96 5.41
N VAL A 91 -13.97 1.78 5.81
CA VAL A 91 -15.06 1.77 4.85
C VAL A 91 -15.18 3.14 4.19
N VAL A 92 -15.07 4.22 4.98
CA VAL A 92 -15.18 5.57 4.44
C VAL A 92 -14.11 5.80 3.39
N LEU A 93 -12.86 5.45 3.71
CA LEU A 93 -11.76 5.66 2.78
C LEU A 93 -11.92 4.81 1.52
N LEU A 94 -12.32 3.55 1.68
CA LEU A 94 -12.49 2.69 0.51
C LEU A 94 -13.56 3.25 -0.43
N LYS A 95 -14.65 3.80 0.11
CA LYS A 95 -15.68 4.35 -0.75
C LYS A 95 -15.18 5.59 -1.48
N LYS A 96 -14.37 6.42 -0.83
CA LYS A 96 -13.91 7.64 -1.48
C LYS A 96 -12.94 7.36 -2.63
N VAL A 97 -12.25 6.21 -2.62
CA VAL A 97 -11.33 5.88 -3.68
C VAL A 97 -11.92 4.89 -4.67
N SER A 98 -13.13 4.39 -4.42
CA SER A 98 -13.74 3.32 -5.22
C SER A 98 -14.00 3.69 -6.66
N SER A 99 -13.79 4.94 -7.06
CA SER A 99 -14.18 5.39 -8.39
C SER A 99 -13.31 4.83 -9.52
N GLY A 100 -13.46 3.54 -9.82
CA GLY A 100 -13.08 2.97 -11.12
C GLY A 100 -11.62 2.77 -11.52
N PHE A 101 -10.70 3.56 -10.97
CA PHE A 101 -9.30 3.41 -11.33
C PHE A 101 -8.74 2.14 -10.71
N SER A 102 -8.17 1.28 -11.55
CA SER A 102 -7.79 -0.07 -11.15
C SER A 102 -6.56 -0.12 -10.26
N GLY A 103 -5.92 1.01 -9.94
CA GLY A 103 -4.73 0.96 -9.12
C GLY A 103 -4.98 0.77 -7.64
N VAL A 104 -6.22 0.93 -7.19
CA VAL A 104 -6.58 0.78 -5.80
C VAL A 104 -7.61 -0.33 -5.70
N ILE A 105 -7.51 -1.13 -4.64
CA ILE A 105 -8.48 -2.20 -4.41
C ILE A 105 -9.87 -1.59 -4.32
N ARG A 106 -10.84 -2.26 -4.93
CA ARG A 106 -12.23 -1.79 -4.95
C ARG A 106 -13.05 -2.50 -3.87
N LEU A 107 -13.72 -1.71 -3.03
CA LEU A 107 -14.69 -2.23 -2.09
C LEU A 107 -16.02 -2.47 -2.79
N LEU A 108 -16.49 -3.71 -2.81
CA LEU A 108 -17.67 -4.08 -3.56
C LEU A 108 -18.94 -4.03 -2.73
N ASP A 109 -18.83 -4.18 -1.41
CA ASP A 109 -19.98 -4.25 -0.53
C ASP A 109 -19.45 -4.29 0.90
N TRP A 110 -20.35 -4.06 1.84
CA TRP A 110 -20.02 -4.21 3.25
C TRP A 110 -21.31 -4.48 4.03
N PHE A 111 -21.14 -5.13 5.18
CA PHE A 111 -22.26 -5.52 6.04
C PHE A 111 -21.91 -5.15 7.46
N GLU A 112 -22.93 -4.89 8.28
CA GLU A 112 -22.72 -4.72 9.70
C GLU A 112 -23.28 -5.94 10.43
N ARG A 113 -22.53 -6.40 11.43
CA ARG A 113 -22.91 -7.50 12.30
C ARG A 113 -22.90 -7.00 13.74
N PRO A 114 -23.48 -7.74 14.68
CA PRO A 114 -23.43 -7.30 16.09
C PRO A 114 -22.06 -6.83 16.56
N ASP A 115 -21.00 -7.59 16.30
CA ASP A 115 -19.68 -7.28 16.85
C ASP A 115 -18.61 -7.01 15.81
N SER A 116 -18.96 -6.88 14.53
CA SER A 116 -17.94 -6.74 13.50
C SER A 116 -18.54 -6.11 12.26
N PHE A 117 -17.66 -5.68 11.36
CA PHE A 117 -18.03 -5.32 10.00
C PHE A 117 -17.37 -6.30 9.05
N VAL A 118 -18.05 -6.56 7.95
CA VAL A 118 -17.57 -7.47 6.92
C VAL A 118 -17.41 -6.68 5.63
N LEU A 119 -16.22 -6.73 5.04
CA LEU A 119 -15.92 -6.00 3.82
C LEU A 119 -15.77 -6.99 2.68
N ILE A 120 -16.52 -6.79 1.61
CA ILE A 120 -16.37 -7.60 0.40
C ILE A 120 -15.48 -6.81 -0.54
N LEU A 121 -14.30 -7.36 -0.80
CA LEU A 121 -13.28 -6.67 -1.59
C LEU A 121 -12.95 -7.46 -2.84
N GLU A 122 -12.48 -6.73 -3.84
CA GLU A 122 -12.02 -7.33 -5.07
C GLU A 122 -10.85 -8.28 -4.81
N ARG A 123 -10.80 -9.37 -5.55
CA ARG A 123 -9.68 -10.30 -5.48
C ARG A 123 -9.20 -10.63 -6.88
N PRO A 124 -8.05 -10.13 -7.29
CA PRO A 124 -7.46 -10.60 -8.54
C PRO A 124 -7.06 -12.07 -8.41
N GLU A 125 -7.01 -12.73 -9.53
CA GLU A 125 -6.68 -14.14 -9.58
C GLU A 125 -6.19 -14.42 -10.99
N PRO A 126 -4.95 -14.87 -11.18
CA PRO A 126 -3.93 -15.20 -10.17
C PRO A 126 -3.30 -13.95 -9.56
N VAL A 127 -2.92 -14.01 -8.28
CA VAL A 127 -2.42 -12.87 -7.54
C VAL A 127 -1.23 -13.31 -6.68
N GLN A 128 -0.39 -12.34 -6.33
CA GLN A 128 0.65 -12.54 -5.31
C GLN A 128 0.98 -11.17 -4.76
N ASP A 129 1.17 -11.07 -3.45
CA ASP A 129 1.49 -9.76 -2.94
C ASP A 129 2.98 -9.48 -3.18
N LEU A 130 3.33 -8.20 -3.12
CA LEU A 130 4.67 -7.80 -3.54
C LEU A 130 5.71 -8.26 -2.54
N PHE A 131 5.35 -8.42 -1.27
CA PHE A 131 6.28 -8.98 -0.30
C PHE A 131 6.70 -10.39 -0.69
N ASP A 132 5.73 -11.31 -0.90
CA ASP A 132 6.10 -12.66 -1.32
C ASP A 132 6.84 -12.66 -2.65
N PHE A 133 6.47 -11.75 -3.56
CA PHE A 133 7.11 -11.69 -4.86
C PHE A 133 8.59 -11.33 -4.72
N ILE A 134 8.91 -10.37 -3.85
CA ILE A 134 10.31 -10.01 -3.66
C ILE A 134 11.05 -11.09 -2.89
N THR A 135 10.39 -11.72 -1.92
CA THR A 135 11.01 -12.88 -1.24
C THR A 135 11.43 -13.95 -2.23
N GLU A 136 10.52 -14.35 -3.13
CA GLU A 136 10.84 -15.45 -4.04
C GLU A 136 11.90 -15.05 -5.06
N ARG A 137 11.87 -13.81 -5.54
CA ARG A 137 12.72 -13.45 -6.65
C ARG A 137 13.94 -12.64 -6.23
N GLY A 138 14.01 -12.19 -4.99
CA GLY A 138 15.14 -11.36 -4.61
C GLY A 138 15.00 -9.97 -5.23
N ALA A 139 16.12 -9.24 -5.23
CA ALA A 139 16.14 -7.89 -5.81
C ALA A 139 15.60 -7.89 -7.23
N LEU A 140 14.74 -6.93 -7.53
CA LEU A 140 14.14 -6.85 -8.85
C LEU A 140 15.04 -6.09 -9.81
N GLN A 141 15.09 -6.56 -11.06
CA GLN A 141 15.63 -5.75 -12.15
C GLN A 141 15.01 -4.35 -12.10
N GLU A 142 15.84 -3.33 -12.36
CA GLU A 142 15.35 -1.96 -12.28
C GLU A 142 14.19 -1.70 -13.25
N GLU A 143 14.17 -2.36 -14.40
CA GLU A 143 13.06 -2.17 -15.33
C GLU A 143 11.74 -2.56 -14.68
N LEU A 144 11.74 -3.67 -13.95
CA LEU A 144 10.53 -4.15 -13.31
C LEU A 144 10.19 -3.30 -12.08
N ALA A 145 11.21 -2.91 -11.31
CA ALA A 145 10.98 -2.02 -10.18
C ALA A 145 10.42 -0.69 -10.63
N ARG A 146 10.85 -0.21 -11.80
CA ARG A 146 10.34 1.05 -12.33
C ARG A 146 8.86 0.95 -12.62
N SER A 147 8.44 -0.13 -13.29
CA SER A 147 7.03 -0.27 -13.64
C SER A 147 6.17 -0.36 -12.39
N PHE A 148 6.58 -1.19 -11.43
CA PHE A 148 5.85 -1.36 -10.18
C PHE A 148 5.74 -0.03 -9.44
N PHE A 149 6.89 0.63 -9.25
CA PHE A 149 6.93 1.86 -8.47
C PHE A 149 6.09 2.96 -9.12
N TRP A 150 6.15 3.07 -10.46
CA TRP A 150 5.27 3.99 -11.17
C TRP A 150 3.81 3.67 -10.91
N GLN A 151 3.44 2.38 -10.98
CA GLN A 151 2.04 2.04 -10.72
C GLN A 151 1.63 2.39 -9.29
N VAL A 152 2.52 2.16 -8.30
CA VAL A 152 2.20 2.57 -6.94
C VAL A 152 2.02 4.08 -6.84
N LEU A 153 2.90 4.83 -7.51
CA LEU A 153 2.79 6.29 -7.53
C LEU A 153 1.44 6.76 -8.08
N GLU A 154 0.98 6.18 -9.20
CA GLU A 154 -0.32 6.59 -9.72
C GLU A 154 -1.42 6.26 -8.73
N ALA A 155 -1.31 5.10 -8.08
CA ALA A 155 -2.37 4.69 -7.16
C ALA A 155 -2.42 5.61 -5.94
N VAL A 156 -1.26 6.03 -5.43
CA VAL A 156 -1.23 6.93 -4.28
C VAL A 156 -1.70 8.32 -4.68
N ARG A 157 -1.32 8.79 -5.87
CA ARG A 157 -1.89 10.04 -6.39
C ARG A 157 -3.41 9.95 -6.42
N HIS A 158 -3.93 8.81 -6.86
CA HIS A 158 -5.37 8.64 -6.92
C HIS A 158 -5.99 8.78 -5.54
N CYS A 159 -5.40 8.14 -4.54
CA CYS A 159 -5.89 8.28 -3.16
C CYS A 159 -5.91 9.74 -2.73
N HIS A 160 -4.78 10.43 -2.87
CA HIS A 160 -4.72 11.83 -2.44
C HIS A 160 -5.75 12.69 -3.17
N ASN A 161 -5.91 12.49 -4.49
CA ASN A 161 -6.91 13.24 -5.24
C ASN A 161 -8.31 13.02 -4.66
N CYS A 162 -8.56 11.83 -4.11
CA CYS A 162 -9.83 11.51 -3.48
C CYS A 162 -9.89 11.91 -2.00
N GLY A 163 -8.89 12.63 -1.49
CA GLY A 163 -8.92 13.00 -0.09
C GLY A 163 -8.51 11.93 0.90
N VAL A 164 -7.79 10.89 0.45
CA VAL A 164 -7.47 9.74 1.28
C VAL A 164 -5.95 9.59 1.42
N LEU A 165 -5.48 9.47 2.66
CA LEU A 165 -4.08 9.19 2.96
C LEU A 165 -3.95 7.75 3.43
N HIS A 166 -3.15 6.93 2.73
CA HIS A 166 -3.14 5.50 3.03
C HIS A 166 -2.42 5.18 4.33
N ARG A 167 -1.22 5.76 4.53
CA ARG A 167 -0.44 5.68 5.78
C ARG A 167 0.19 4.32 6.05
N ASP A 168 0.05 3.35 5.16
CA ASP A 168 0.70 2.07 5.39
C ASP A 168 1.20 1.50 4.08
N ILE A 169 1.81 2.34 3.23
CA ILE A 169 2.38 1.84 1.99
C ILE A 169 3.55 0.92 2.30
N LYS A 170 3.51 -0.29 1.77
CA LYS A 170 4.60 -1.24 1.92
C LYS A 170 4.32 -2.39 0.96
N ASP A 171 5.32 -3.25 0.76
CA ASP A 171 5.16 -4.33 -0.22
C ASP A 171 4.05 -5.31 0.20
N GLU A 172 3.82 -5.48 1.50
CA GLU A 172 2.74 -6.36 1.95
C GLU A 172 1.37 -5.85 1.55
N ASN A 173 1.21 -4.53 1.38
CA ASN A 173 -0.08 -3.95 1.05
C ASN A 173 -0.19 -3.61 -0.42
N ILE A 174 0.48 -4.39 -1.26
CA ILE A 174 0.46 -4.20 -2.71
C ILE A 174 0.30 -5.57 -3.36
N LEU A 175 -0.75 -5.72 -4.16
CA LEU A 175 -1.08 -6.97 -4.83
C LEU A 175 -0.67 -6.87 -6.29
N ILE A 176 -0.16 -7.98 -6.83
CA ILE A 176 0.24 -8.07 -8.22
C ILE A 176 -0.75 -8.98 -8.93
N ASP A 177 -1.56 -8.41 -9.82
CA ASP A 177 -2.31 -9.20 -10.78
C ASP A 177 -1.32 -9.73 -11.80
N LEU A 178 -0.98 -11.02 -11.70
CA LEU A 178 0.11 -11.56 -12.49
C LEU A 178 -0.23 -11.70 -13.97
N ASN A 179 -1.51 -11.71 -14.35
CA ASN A 179 -1.78 -11.83 -15.77
C ASN A 179 -1.94 -10.48 -16.42
N ARG A 180 -2.53 -9.51 -15.72
CA ARG A 180 -2.64 -8.17 -16.27
C ARG A 180 -1.38 -7.33 -16.03
N GLY A 181 -0.51 -7.73 -15.10
CA GLY A 181 0.64 -6.91 -14.75
C GLY A 181 0.28 -5.62 -14.01
N GLU A 182 -0.89 -5.57 -13.38
CA GLU A 182 -1.36 -4.37 -12.68
C GLU A 182 -1.18 -4.53 -11.17
N LEU A 183 -0.72 -3.47 -10.52
CA LEU A 183 -0.61 -3.49 -9.06
C LEU A 183 -1.86 -2.91 -8.41
N LYS A 184 -2.22 -3.45 -7.26
CA LYS A 184 -3.34 -2.99 -6.45
C LYS A 184 -2.85 -2.65 -5.05
N LEU A 185 -3.19 -1.46 -4.58
CA LEU A 185 -2.95 -1.05 -3.20
C LEU A 185 -4.11 -1.52 -2.33
N ILE A 186 -3.81 -2.17 -1.20
CA ILE A 186 -4.84 -2.77 -0.36
C ILE A 186 -4.68 -2.33 1.10
N ASP A 187 -5.62 -2.78 1.93
CA ASP A 187 -5.63 -2.59 3.38
C ASP A 187 -5.54 -1.11 3.77
N PHE A 188 -6.68 -0.44 3.73
CA PHE A 188 -6.77 0.94 4.17
C PHE A 188 -7.07 1.06 5.65
N GLY A 189 -6.91 -0.02 6.41
CA GLY A 189 -7.25 -0.04 7.82
C GLY A 189 -6.41 0.88 8.70
N SER A 190 -5.32 1.43 8.19
CA SER A 190 -4.54 2.41 8.96
C SER A 190 -4.66 3.82 8.39
N GLY A 191 -5.53 4.02 7.40
CA GLY A 191 -5.56 5.27 6.68
C GLY A 191 -6.26 6.39 7.43
N ALA A 192 -6.34 7.54 6.77
CA ALA A 192 -7.01 8.69 7.32
C ALA A 192 -7.45 9.60 6.18
N LEU A 193 -8.39 10.48 6.48
CA LEU A 193 -8.69 11.53 5.53
C LEU A 193 -7.46 12.37 5.32
N LEU A 194 -7.18 12.72 4.07
CA LEU A 194 -6.04 13.57 3.77
C LEU A 194 -6.27 14.98 4.28
N LYS A 195 -5.30 15.53 5.00
CA LYS A 195 -5.36 16.91 5.46
C LYS A 195 -3.97 17.52 5.31
N ASP A 196 -3.91 18.85 5.34
CA ASP A 196 -2.65 19.57 5.22
C ASP A 196 -2.01 19.95 6.55
N THR A 197 -2.69 19.76 7.67
CA THR A 197 -2.11 20.09 8.97
C THR A 197 -1.39 18.86 9.53
N VAL A 198 -0.85 19.00 10.73
CA VAL A 198 0.03 17.99 11.28
C VAL A 198 -0.79 16.79 11.76
N TYR A 199 -0.26 15.58 11.55
CA TYR A 199 -0.79 14.37 12.16
C TYR A 199 0.00 14.06 13.43
N THR A 200 -0.70 13.65 14.48
CA THR A 200 -0.06 13.23 15.72
C THR A 200 -0.45 11.82 16.11
N ASP A 201 -1.20 11.11 15.26
CA ASP A 201 -1.54 9.71 15.45
C ASP A 201 -0.97 8.92 14.27
N PHE A 202 -0.75 7.62 14.50
CA PHE A 202 -0.23 6.73 13.45
C PHE A 202 -0.41 5.27 13.83
N ASP A 203 -0.88 4.43 12.90
CA ASP A 203 -1.02 3.01 13.18
C ASP A 203 -0.46 2.14 12.06
N GLY A 204 0.45 2.67 11.26
CA GLY A 204 1.02 1.94 10.14
C GLY A 204 2.21 1.11 10.57
N THR A 205 3.16 0.95 9.65
CA THR A 205 4.28 0.06 9.87
C THR A 205 5.49 0.88 10.27
N ARG A 206 6.06 0.57 11.44
CA ARG A 206 7.09 1.45 12.00
C ARG A 206 8.30 1.53 11.07
N VAL A 207 8.72 0.41 10.49
CA VAL A 207 9.94 0.42 9.69
C VAL A 207 9.77 1.16 8.38
N TYR A 208 8.53 1.58 8.04
CA TYR A 208 8.27 2.44 6.89
C TYR A 208 7.89 3.86 7.30
N SER A 209 7.87 4.18 8.62
CA SER A 209 7.53 5.52 9.10
C SER A 209 8.75 6.45 9.08
N PRO A 210 8.54 7.75 8.88
CA PRO A 210 9.66 8.66 8.66
C PRO A 210 10.31 9.07 9.97
N PRO A 211 11.52 9.62 9.91
CA PRO A 211 12.22 9.97 11.16
C PRO A 211 11.48 10.99 12.01
N GLU A 212 10.70 11.88 11.41
CA GLU A 212 9.97 12.83 12.22
C GLU A 212 8.87 12.15 13.04
N TRP A 213 8.36 10.99 12.60
CA TRP A 213 7.48 10.24 13.49
C TRP A 213 8.26 9.57 14.61
N ILE A 214 9.40 8.97 14.27
CA ILE A 214 10.24 8.32 15.28
C ILE A 214 10.65 9.32 16.36
N ARG A 215 11.06 10.52 15.96
CA ARG A 215 11.66 11.49 16.87
C ARG A 215 10.64 12.35 17.59
N TYR A 216 9.62 12.84 16.89
CA TYR A 216 8.75 13.88 17.43
C TYR A 216 7.27 13.52 17.45
N HIS A 217 6.88 12.32 17.02
CA HIS A 217 5.47 11.91 17.05
C HIS A 217 4.59 12.82 16.18
N ARG A 218 5.16 13.46 15.16
CA ARG A 218 4.35 14.24 14.24
C ARG A 218 4.88 14.04 12.82
N TYR A 219 4.02 14.35 11.84
CA TYR A 219 4.38 14.29 10.42
C TYR A 219 3.28 14.97 9.61
N HIS A 220 3.60 15.27 8.37
CA HIS A 220 2.62 15.69 7.39
C HIS A 220 2.39 14.57 6.38
N GLY A 221 1.19 14.54 5.80
CA GLY A 221 0.76 13.36 5.09
C GLY A 221 1.61 13.03 3.87
N ARG A 222 1.75 14.00 2.97
CA ARG A 222 2.44 13.75 1.72
C ARG A 222 3.91 13.41 1.94
N SER A 223 4.59 14.14 2.82
CA SER A 223 6.02 13.93 2.96
C SER A 223 6.30 12.63 3.69
N ALA A 224 5.40 12.23 4.60
CA ALA A 224 5.54 10.90 5.20
C ALA A 224 5.26 9.79 4.20
N ALA A 225 4.35 10.01 3.25
CA ALA A 225 4.10 8.98 2.24
C ALA A 225 5.30 8.84 1.31
N VAL A 226 5.93 9.96 0.96
CA VAL A 226 7.12 9.91 0.12
C VAL A 226 8.23 9.11 0.81
N TRP A 227 8.41 9.31 2.12
CA TRP A 227 9.40 8.52 2.85
C TRP A 227 9.11 7.03 2.73
N SER A 228 7.86 6.64 2.97
CA SER A 228 7.52 5.22 2.85
C SER A 228 7.73 4.73 1.40
N LEU A 229 7.55 5.62 0.42
CA LEU A 229 7.81 5.22 -0.96
C LEU A 229 9.31 5.00 -1.18
N GLY A 230 10.15 5.80 -0.54
CA GLY A 230 11.58 5.56 -0.59
C GLY A 230 11.96 4.20 0.00
N ILE A 231 11.39 3.85 1.16
CA ILE A 231 11.63 2.55 1.75
C ILE A 231 11.21 1.45 0.79
N LEU A 232 10.01 1.62 0.18
CA LEU A 232 9.48 0.66 -0.77
C LEU A 232 10.41 0.49 -1.97
N LEU A 233 10.96 1.59 -2.48
CA LEU A 233 11.78 1.50 -3.68
C LEU A 233 13.08 0.77 -3.37
N TYR A 234 13.75 1.16 -2.28
CA TYR A 234 14.93 0.41 -1.83
C TYR A 234 14.58 -1.07 -1.68
N ASP A 235 13.44 -1.36 -1.06
CA ASP A 235 12.98 -2.74 -0.88
C ASP A 235 12.91 -3.48 -2.21
N MET A 236 12.44 -2.82 -3.27
CA MET A 236 12.31 -3.49 -4.55
C MET A 236 13.67 -3.78 -5.18
N VAL A 237 14.60 -2.81 -5.13
CA VAL A 237 15.83 -2.98 -5.90
C VAL A 237 16.95 -3.62 -5.10
N CYS A 238 16.80 -3.72 -3.77
CA CYS A 238 17.79 -4.40 -2.95
C CYS A 238 17.29 -5.71 -2.37
N GLY A 239 15.99 -6.00 -2.50
CA GLY A 239 15.45 -7.25 -2.02
C GLY A 239 15.00 -7.25 -0.58
N ASP A 240 15.21 -6.16 0.15
CA ASP A 240 14.63 -6.00 1.48
C ASP A 240 14.69 -4.53 1.86
N ILE A 241 13.98 -4.18 2.93
CA ILE A 241 13.91 -2.79 3.37
C ILE A 241 15.27 -2.40 3.95
N PRO A 242 15.61 -1.11 4.04
CA PRO A 242 16.96 -0.73 4.50
C PRO A 242 17.14 -0.63 6.01
N PHE A 243 16.06 -0.41 6.74
CA PHE A 243 16.11 -0.05 8.15
C PHE A 243 15.22 -0.99 8.93
N GLU A 244 15.75 -1.55 10.02
CA GLU A 244 14.97 -2.34 10.94
C GLU A 244 14.80 -1.66 12.28
N HIS A 245 15.63 -0.69 12.60
CA HIS A 245 15.73 -0.16 13.95
C HIS A 245 15.57 1.36 13.93
N ASP A 246 15.11 1.89 15.06
CA ASP A 246 14.81 3.32 15.14
C ASP A 246 16.04 4.16 14.83
N GLU A 247 17.20 3.74 15.33
CA GLU A 247 18.42 4.50 15.12
C GLU A 247 18.80 4.53 13.63
N GLU A 248 18.53 3.44 12.91
CA GLU A 248 18.81 3.44 11.48
C GLU A 248 17.90 4.41 10.76
N ILE A 249 16.63 4.47 11.17
CA ILE A 249 15.65 5.32 10.50
C ILE A 249 16.04 6.78 10.64
N ILE A 250 16.44 7.19 11.84
CA ILE A 250 16.81 8.59 12.06
C ILE A 250 18.25 8.87 11.68
N GLY A 251 19.03 7.84 11.30
CA GLY A 251 20.43 8.05 11.01
C GLY A 251 20.68 8.77 9.70
N GLY A 252 19.76 8.64 8.74
CA GLY A 252 19.96 9.30 7.47
C GLY A 252 21.15 8.79 6.68
N GLN A 253 21.44 7.49 6.80
CA GLN A 253 22.48 6.83 6.01
C GLN A 253 21.85 5.65 5.28
N VAL A 254 22.10 5.57 3.98
CA VAL A 254 21.53 4.53 3.14
C VAL A 254 22.69 3.78 2.50
N PHE A 255 22.87 2.53 2.90
CA PHE A 255 23.88 1.68 2.32
C PHE A 255 23.22 0.75 1.34
N PHE A 256 23.77 0.63 0.14
CA PHE A 256 23.21 -0.23 -0.89
C PHE A 256 23.92 -1.57 -0.91
N ARG A 257 23.14 -2.62 -0.70
CA ARG A 257 23.62 -3.99 -0.55
C ARG A 257 23.68 -4.70 -1.89
N GLN A 258 23.10 -4.10 -2.92
CA GLN A 258 22.95 -4.66 -4.24
C GLN A 258 23.50 -3.64 -5.22
N ARG A 259 23.94 -4.11 -6.38
CA ARG A 259 24.24 -3.19 -7.46
C ARG A 259 23.00 -2.41 -7.85
N VAL A 260 23.03 -1.09 -7.70
CA VAL A 260 21.90 -0.23 -8.03
C VAL A 260 22.43 0.98 -8.78
N SER A 261 21.76 1.35 -9.87
CA SER A 261 22.22 2.46 -10.70
C SER A 261 22.26 3.74 -9.88
N GLU A 263 21.24 6.77 -10.79
CA GLU A 263 20.00 7.52 -10.88
C GLU A 263 18.98 6.98 -9.86
N CYS A 264 18.88 5.66 -9.76
CA CYS A 264 17.97 5.06 -8.80
C CYS A 264 18.40 5.32 -7.36
N GLN A 265 19.71 5.21 -7.06
CA GLN A 265 20.16 5.51 -5.72
C GLN A 265 19.80 6.94 -5.34
N HIS A 266 19.98 7.87 -6.28
CA HIS A 266 19.70 9.26 -6.00
C HIS A 266 18.20 9.48 -5.71
N LEU A 267 17.32 8.89 -6.51
CA LEU A 267 15.89 9.02 -6.22
C LEU A 267 15.57 8.46 -4.84
N ILE A 268 16.16 7.31 -4.49
CA ILE A 268 15.89 6.72 -3.19
C ILE A 268 16.35 7.64 -2.08
N ARG A 269 17.58 8.14 -2.19
CA ARG A 269 18.13 9.03 -1.17
C ARG A 269 17.32 10.30 -1.05
N TRP A 270 16.81 10.80 -2.18
CA TRP A 270 15.96 11.98 -2.17
C TRP A 270 14.66 11.73 -1.40
N CYS A 271 13.96 10.64 -1.72
CA CYS A 271 12.76 10.27 -0.96
C CYS A 271 13.07 10.11 0.51
N LEU A 272 14.29 9.66 0.86
CA LEU A 272 14.64 9.41 2.24
C LEU A 272 15.41 10.58 2.87
N ALA A 273 15.23 11.79 2.36
CA ALA A 273 15.75 12.97 3.04
C ALA A 273 15.22 13.04 4.48
N LEU A 274 16.13 13.30 5.43
CA LEU A 274 15.74 13.44 6.82
C LEU A 274 14.74 14.58 7.03
N ARG A 275 14.97 15.72 6.39
CA ARG A 275 14.07 16.84 6.52
C ARG A 275 12.87 16.63 5.60
N PRO A 276 11.65 16.62 6.12
CA PRO A 276 10.49 16.39 5.23
C PRO A 276 10.39 17.38 4.08
N SER A 277 10.72 18.65 4.33
CA SER A 277 10.60 19.65 3.27
C SER A 277 11.60 19.41 2.15
N ASP A 278 12.69 18.68 2.42
CA ASP A 278 13.67 18.31 1.41
C ASP A 278 13.24 17.13 0.53
N ARG A 279 12.15 16.46 0.86
CA ARG A 279 11.74 15.33 0.05
C ARG A 279 11.08 15.81 -1.24
N PRO A 280 11.12 15.00 -2.29
CA PRO A 280 10.46 15.38 -3.55
C PRO A 280 8.95 15.29 -3.44
N THR A 281 8.25 16.11 -4.25
CA THR A 281 6.83 15.95 -4.47
C THR A 281 6.58 14.74 -5.36
N PHE A 282 5.32 14.33 -5.46
CA PHE A 282 4.98 13.22 -6.35
C PHE A 282 5.35 13.54 -7.78
N GLU A 283 5.12 14.79 -8.20
CA GLU A 283 5.51 15.23 -9.53
C GLU A 283 7.02 15.18 -9.71
N GLU A 284 7.77 15.63 -8.71
CA GLU A 284 9.22 15.54 -8.81
C GLU A 284 9.69 14.09 -8.94
N ILE A 285 9.01 13.16 -8.26
CA ILE A 285 9.38 11.75 -8.37
C ILE A 285 9.12 11.26 -9.79
N GLN A 286 7.95 11.56 -10.33
CA GLN A 286 7.61 11.01 -11.65
C GLN A 286 8.34 11.72 -12.80
N ASN A 287 8.92 12.90 -12.56
CA ASN A 287 9.80 13.54 -13.54
C ASN A 287 11.27 13.19 -13.35
N HIS A 288 11.61 12.44 -12.29
CA HIS A 288 13.00 12.07 -12.08
C HIS A 288 13.52 11.28 -13.28
N PRO A 289 14.80 11.44 -13.64
CA PRO A 289 15.34 10.69 -14.79
C PRO A 289 15.18 9.18 -14.68
N TRP A 290 15.29 8.61 -13.48
CA TRP A 290 15.16 7.16 -13.36
C TRP A 290 13.76 6.67 -13.71
N MET A 291 12.76 7.55 -13.71
CA MET A 291 11.38 7.13 -13.89
C MET A 291 10.92 7.19 -15.33
N GLN A 292 11.80 7.51 -16.28
CA GLN A 292 11.38 7.70 -17.66
C GLN A 292 11.29 6.36 -18.40
N ASP A 293 10.42 6.33 -19.41
CA ASP A 293 10.24 5.18 -20.30
C ASP A 293 9.72 3.95 -19.54
N VAL A 294 8.69 4.15 -18.72
CA VAL A 294 8.12 3.04 -17.96
C VAL A 294 7.45 2.05 -18.91
N LEU A 295 7.48 0.78 -18.52
CA LEU A 295 6.72 -0.24 -19.23
C LEU A 295 5.22 -0.08 -18.95
N LEU A 296 4.41 -0.40 -19.96
CA LEU A 296 2.99 -0.54 -19.74
C LEU A 296 2.72 -1.78 -18.89
N PRO A 297 1.57 -1.83 -18.23
CA PRO A 297 1.29 -3.02 -17.40
C PRO A 297 1.38 -4.33 -18.17
N GLN A 298 0.79 -4.38 -19.37
CA GLN A 298 0.77 -5.61 -20.17
C GLN A 298 2.16 -5.99 -20.64
N GLU A 299 2.99 -5.01 -21.05
CA GLU A 299 4.39 -5.30 -21.32
C GLU A 299 5.06 -5.88 -20.07
N THR A 300 4.74 -5.33 -18.90
CA THR A 300 5.35 -5.80 -17.67
C THR A 300 4.98 -7.25 -17.42
N ALA A 301 3.71 -7.60 -17.65
CA ALA A 301 3.29 -8.97 -17.49
C ALA A 301 3.96 -9.90 -18.51
N GLU A 302 4.07 -9.46 -19.77
CA GLU A 302 4.63 -10.33 -20.80
C GLU A 302 6.13 -10.55 -20.59
N ILE A 303 6.83 -9.52 -20.13
CA ILE A 303 8.29 -9.59 -20.05
C ILE A 303 8.75 -10.20 -18.74
N HIS A 304 8.07 -9.89 -17.63
CA HIS A 304 8.57 -10.24 -16.30
C HIS A 304 7.67 -11.20 -15.52
N LEU A 305 6.46 -11.48 -15.97
CA LEU A 305 5.56 -12.25 -15.14
C LEU A 305 5.00 -13.51 -15.80
N HIS A 306 5.16 -13.70 -17.11
CA HIS A 306 4.60 -14.87 -17.78
C HIS A 306 5.65 -15.97 -17.93
N ARG B 2 20.72 -13.13 5.66
CA ARG B 2 20.02 -12.04 6.35
C ARG B 2 18.50 -12.27 6.28
N LYS B 3 17.85 -12.35 7.45
CA LYS B 3 16.45 -12.79 7.51
C LYS B 3 15.51 -11.63 7.19
N ARG B 4 14.75 -11.77 6.13
CA ARG B 4 13.72 -10.79 5.74
C ARG B 4 12.38 -11.19 6.35
N ARG B 5 11.62 -10.20 6.81
CA ARG B 5 10.39 -10.54 7.51
C ARG B 5 9.28 -9.53 7.24
N ARG B 6 8.05 -10.00 7.40
CA ARG B 6 6.92 -9.09 7.44
C ARG B 6 6.97 -8.27 8.73
N HIS B 7 6.22 -7.17 8.75
CA HIS B 7 6.20 -6.25 9.89
C HIS B 7 4.76 -5.84 10.17
N PRO B 8 4.12 -6.43 11.18
CA PRO B 8 2.73 -6.08 11.47
C PRO B 8 2.52 -4.59 11.65
N SER B 9 1.28 -4.16 11.46
CA SER B 9 0.95 -2.75 11.56
C SER B 9 0.11 -2.52 12.83
#